data_6SGH
#
_entry.id   6SGH
#
_cell.length_a   101.020
_cell.length_b   56.280
_cell.length_c   74.010
_cell.angle_alpha   90.000
_cell.angle_beta   129.460
_cell.angle_gamma   90.000
#
_symmetry.space_group_name_H-M   'C 1 2 1'
#
loop_
_entity.id
_entity.type
_entity.pdbx_description
1 polymer 'Serine/threonine-protein kinase Nek2'
2 non-polymer 2-[4-[(6-ethenyl-9~{H}-purin-2-yl)amino]phenyl]ethanamide
3 water water
#
_entity_poly.entity_id   1
_entity_poly.type   'polypeptide(L)'
_entity_poly.pdbx_seq_one_letter_code
;MPSRAEDYEVLYTIGTGSYGRCQKIRRKSDGKILVWKELDYGSMTEAEKQMLVSEVNLLRELKHPNIVRYYDRIIDRTNT
TLYIVMEYCEGGDLASVITKGTKERQYLDEEFVLRVMTQLTLALKECHRRSDGGHTVLHRDLKPANVFLDGKQNVKLGDF
GLARILNHDTSFAKTFVGTPYYMSPEQMNRMSYNEKSDIWSLGCLLYELCALMPPFTAFSQKELAGKIREGKFRRIPYRY
SDELNEIITRMLNLKDYHRPSVEEILENPLILEHHHHHH
;
_entity_poly.pdbx_strand_id   A
#
loop_
_chem_comp.id
_chem_comp.type
_chem_comp.name
_chem_comp.formula
LCW non-polymer 2-[4-[(6-ethenyl-9~{H}-purin-2-yl)amino]phenyl]ethanamide 'C15 H14 N6 O'
#
# COMPACT_ATOMS: atom_id res chain seq x y z
N SER A 3 -2.60 27.58 4.22
CA SER A 3 -2.17 27.06 2.93
C SER A 3 -0.76 27.51 2.60
N ARG A 4 0.09 27.61 3.63
CA ARG A 4 1.48 28.02 3.46
C ARG A 4 2.36 27.22 4.40
N ALA A 5 3.61 26.98 3.96
CA ALA A 5 4.54 26.21 4.77
C ALA A 5 4.81 26.86 6.12
N GLU A 6 4.55 28.16 6.26
CA GLU A 6 4.74 28.85 7.52
C GLU A 6 3.67 28.52 8.55
N ASP A 7 2.52 28.01 8.09
CA ASP A 7 1.45 27.61 9.01
C ASP A 7 1.77 26.31 9.74
N TYR A 8 2.78 25.56 9.30
CA TYR A 8 3.07 24.25 9.86
C TYR A 8 4.45 24.22 10.51
N GLU A 9 4.55 23.44 11.57
CA GLU A 9 5.81 23.13 12.23
C GLU A 9 6.26 21.72 11.85
N VAL A 10 7.57 21.51 11.81
CA VAL A 10 8.15 20.26 11.38
C VAL A 10 8.66 19.51 12.60
N LEU A 11 8.09 18.33 12.86
CA LEU A 11 8.49 17.53 14.01
C LEU A 11 9.78 16.76 13.72
N TYR A 12 9.83 16.05 12.60
CA TYR A 12 11.03 15.33 12.18
C TYR A 12 10.79 14.79 10.78
N THR A 13 11.82 14.17 10.21
CA THR A 13 11.73 13.54 8.89
C THR A 13 11.51 12.05 9.05
N ILE A 14 10.64 11.50 8.19
CA ILE A 14 10.32 10.07 8.24
C ILE A 14 11.12 9.34 7.17
N GLY A 15 10.98 9.75 5.92
CA GLY A 15 11.68 9.08 4.83
C GLY A 15 12.03 10.01 3.69
N THR A 16 13.32 10.09 3.36
CA THR A 16 13.78 10.96 2.29
C THR A 16 13.72 10.26 0.94
N GLY A 20 11.55 12.72 -3.45
CA GLY A 20 10.92 13.48 -2.39
C GLY A 20 11.35 13.05 -0.99
N ARG A 21 11.07 13.90 -0.01
CA ARG A 21 11.35 13.57 1.39
C ARG A 21 10.15 13.85 2.29
N CYS A 22 9.40 12.99 3.17
CA CYS A 22 8.57 13.38 4.30
C CYS A 22 9.39 13.93 5.45
N GLN A 23 8.33 14.87 5.63
CA GLN A 23 8.38 15.37 7.01
C GLN A 23 7.05 15.09 7.70
N LYS A 24 7.09 14.94 9.02
CA LYS A 24 5.87 14.85 9.81
C LYS A 24 5.63 16.22 10.44
N ILE A 25 4.45 16.80 10.18
CA ILE A 25 4.20 18.20 10.47
C ILE A 25 3.02 18.32 11.42
N ARG A 26 3.04 19.40 12.22
CA ARG A 26 1.92 19.77 13.06
C ARG A 26 1.50 21.19 12.71
N ARG A 27 0.20 21.40 12.54
CA ARG A 27 -0.36 22.69 12.14
C ARG A 27 -0.61 23.53 13.39
N LYS A 28 -0.01 24.73 13.43
CA LYS A 28 -0.09 25.54 14.64
C LYS A 28 -1.54 25.95 14.96
N SER A 29 -2.41 25.97 13.95
CA SER A 29 -3.74 26.51 14.14
C SER A 29 -4.55 25.67 15.11
N ASP A 30 -4.76 24.40 14.80
CA ASP A 30 -5.44 23.48 15.69
C ASP A 30 -4.51 22.56 16.46
N GLY A 31 -3.33 22.30 15.92
CA GLY A 31 -2.43 21.30 16.45
C GLY A 31 -2.54 19.94 15.80
N LYS A 32 -2.94 19.88 14.53
CA LYS A 32 -3.23 18.62 13.87
C LYS A 32 -1.96 18.00 13.30
N ILE A 33 -1.83 16.68 13.48
CA ILE A 33 -0.68 15.94 12.99
C ILE A 33 -0.97 15.46 11.57
N LEU A 34 -0.12 15.85 10.63
CA LEU A 34 -0.20 15.40 9.26
C LEU A 34 1.22 15.12 8.78
N VAL A 35 1.37 14.87 7.49
CA VAL A 35 2.68 14.83 6.87
C VAL A 35 2.62 15.62 5.58
N TRP A 36 3.79 16.06 5.14
CA TRP A 36 3.95 16.55 3.79
C TRP A 36 5.19 15.90 3.19
N LYS A 37 5.19 15.82 1.86
CA LYS A 37 6.36 15.39 1.11
C LYS A 37 6.88 16.59 0.31
N GLU A 38 8.19 16.81 0.39
CA GLU A 38 8.85 17.92 -0.29
C GLU A 38 9.38 17.42 -1.62
N LEU A 39 8.73 17.83 -2.72
CA LEU A 39 9.18 17.53 -4.06
C LEU A 39 9.67 18.84 -4.66
N ASP A 40 10.97 18.95 -4.91
CA ASP A 40 11.58 20.17 -5.42
C ASP A 40 11.57 20.13 -6.94
N TYR A 41 10.79 21.01 -7.56
CA TYR A 41 10.68 21.06 -9.01
C TYR A 41 11.68 22.02 -9.65
N GLY A 42 12.61 22.58 -8.86
CA GLY A 42 13.54 23.54 -9.39
C GLY A 42 14.20 23.11 -10.69
N SER A 43 14.44 21.81 -10.85
CA SER A 43 15.06 21.27 -12.04
C SER A 43 14.05 20.77 -13.07
N MET A 44 12.81 21.24 -12.99
CA MET A 44 11.74 20.79 -13.87
C MET A 44 11.26 21.93 -14.75
N THR A 45 10.95 21.60 -16.00
CA THR A 45 10.46 22.58 -16.96
C THR A 45 8.93 22.63 -16.89
N GLU A 46 8.31 23.40 -17.79
CA GLU A 46 6.85 23.42 -17.86
C GLU A 46 6.28 22.06 -18.25
N ALA A 47 7.12 21.16 -18.76
CA ALA A 47 6.66 19.80 -19.08
C ALA A 47 6.25 19.05 -17.82
N GLU A 48 7.10 19.08 -16.79
CA GLU A 48 6.78 18.41 -15.54
C GLU A 48 5.60 19.07 -14.85
N LYS A 49 5.38 20.37 -15.10
CA LYS A 49 4.32 21.10 -14.40
C LYS A 49 2.95 20.49 -14.69
N GLN A 50 2.62 20.29 -15.96
CA GLN A 50 1.29 19.81 -16.33
C GLN A 50 1.06 18.39 -15.80
N MET A 51 2.03 17.50 -15.98
CA MET A 51 1.87 16.13 -15.50
C MET A 51 1.75 16.09 -13.98
N LEU A 52 2.59 16.85 -13.27
CA LEU A 52 2.52 16.86 -11.82
C LEU A 52 1.20 17.43 -11.32
N VAL A 53 0.68 18.46 -12.01
CA VAL A 53 -0.57 19.06 -11.57
C VAL A 53 -1.74 18.12 -11.85
N SER A 54 -1.67 17.38 -12.94
CA SER A 54 -2.69 16.35 -13.19
C SER A 54 -2.63 15.28 -12.11
N GLU A 55 -1.42 14.87 -11.74
CA GLU A 55 -1.27 13.90 -10.65
C GLU A 55 -1.87 14.44 -9.35
N VAL A 56 -1.65 15.72 -9.07
CA VAL A 56 -2.20 16.32 -7.85
C VAL A 56 -3.73 16.34 -7.91
N ASN A 57 -4.28 16.73 -9.06
CA ASN A 57 -5.73 16.72 -9.24
C ASN A 57 -6.28 15.33 -8.95
N LEU A 58 -5.65 14.30 -9.50
CA LEU A 58 -6.13 12.93 -9.31
C LEU A 58 -6.01 12.50 -7.85
N LEU A 59 -4.90 12.82 -7.20
CA LEU A 59 -4.67 12.33 -5.84
C LEU A 59 -5.56 13.04 -4.83
N ARG A 60 -5.72 14.35 -4.95
CA ARG A 60 -6.54 15.10 -4.00
C ARG A 60 -8.03 14.83 -4.16
N GLU A 61 -8.44 14.07 -5.17
CA GLU A 61 -9.84 13.79 -5.41
C GLU A 61 -10.32 12.53 -4.66
N LEU A 62 -9.47 11.51 -4.57
CA LEU A 62 -9.86 10.27 -3.90
C LEU A 62 -10.15 10.52 -2.44
N LYS A 63 -11.34 10.09 -2.00
CA LYS A 63 -11.77 10.20 -0.61
C LYS A 63 -12.30 8.83 -0.19
N HIS A 64 -11.40 7.98 0.31
CA HIS A 64 -11.75 6.63 0.72
C HIS A 64 -11.07 6.30 2.04
N PRO A 65 -11.77 5.65 2.97
CA PRO A 65 -11.15 5.38 4.28
C PRO A 65 -9.87 4.56 4.19
N ASN A 66 -9.80 3.59 3.28
CA ASN A 66 -8.64 2.73 3.14
C ASN A 66 -7.62 3.25 2.13
N ILE A 67 -7.50 4.57 2.01
CA ILE A 67 -6.48 5.20 1.17
C ILE A 67 -6.01 6.46 1.88
N VAL A 68 -4.69 6.68 1.85
CA VAL A 68 -4.12 7.83 2.55
C VAL A 68 -4.73 9.11 1.97
N ARG A 69 -5.44 9.85 2.81
CA ARG A 69 -6.14 11.04 2.37
C ARG A 69 -5.16 12.15 2.03
N TYR A 70 -5.38 12.79 0.88
CA TYR A 70 -4.63 13.98 0.46
C TYR A 70 -5.42 15.24 0.80
N TYR A 71 -4.71 16.27 1.26
CA TYR A 71 -5.36 17.46 1.82
C TYR A 71 -4.98 18.73 1.06
N ASP A 72 -3.79 19.27 1.29
CA ASP A 72 -3.45 20.58 0.75
C ASP A 72 -2.19 20.50 -0.10
N ARG A 73 -1.96 21.56 -0.87
CA ARG A 73 -0.74 21.75 -1.63
C ARG A 73 -0.16 23.11 -1.27
N ILE A 74 1.16 23.17 -1.11
CA ILE A 74 1.81 24.39 -0.64
C ILE A 74 3.04 24.66 -1.50
N ILE A 75 3.27 25.93 -1.81
CA ILE A 75 4.42 26.34 -2.61
C ILE A 75 5.18 27.41 -1.86
N ASP A 76 6.50 27.25 -1.78
CA ASP A 76 7.42 28.25 -1.26
C ASP A 76 8.43 28.53 -2.37
N ARG A 77 8.07 29.45 -3.27
CA ARG A 77 8.92 29.74 -4.43
C ARG A 77 10.35 30.07 -4.02
N THR A 78 10.53 30.65 -2.83
CA THR A 78 11.88 30.91 -2.34
C THR A 78 12.68 29.63 -2.18
N ASN A 79 12.01 28.49 -2.01
CA ASN A 79 12.67 27.19 -1.94
C ASN A 79 12.39 26.31 -3.15
N THR A 80 11.42 26.66 -3.99
CA THR A 80 11.06 25.86 -5.16
C THR A 80 10.76 24.41 -4.79
N THR A 81 10.25 24.20 -3.58
CA THR A 81 9.91 22.87 -3.08
C THR A 81 8.41 22.83 -2.81
N LEU A 82 7.69 22.05 -3.61
CA LEU A 82 6.26 21.85 -3.39
C LEU A 82 6.05 20.90 -2.23
N TYR A 83 5.21 21.30 -1.28
CA TYR A 83 4.83 20.47 -0.14
C TYR A 83 3.47 19.87 -0.42
N ILE A 84 3.40 18.54 -0.43
CA ILE A 84 2.14 17.82 -0.60
C ILE A 84 1.71 17.32 0.77
N VAL A 85 0.54 17.76 1.22
CA VAL A 85 0.04 17.45 2.56
C VAL A 85 -0.95 16.28 2.54
N MET A 86 -0.91 15.46 3.57
CA MET A 86 -1.73 14.26 3.65
C MET A 86 -1.75 13.78 5.10
N GLU A 87 -2.56 12.75 5.35
CA GLU A 87 -2.74 12.26 6.72
C GLU A 87 -1.55 11.42 7.17
N TYR A 88 -1.30 11.46 8.47
CA TYR A 88 -0.19 10.73 9.09
C TYR A 88 -0.73 9.44 9.71
N CYS A 89 -0.40 8.31 9.07
CA CYS A 89 -0.80 7.01 9.56
C CYS A 89 0.11 6.64 10.73
N GLU A 90 -0.39 6.83 11.95
CA GLU A 90 0.49 6.77 13.12
C GLU A 90 1.02 5.37 13.40
N GLY A 91 0.51 4.34 12.73
CA GLY A 91 0.95 2.98 12.97
C GLY A 91 2.12 2.53 12.13
N GLY A 92 2.54 3.32 11.16
CA GLY A 92 3.63 2.94 10.28
C GLY A 92 3.12 2.16 9.08
N ASP A 93 4.08 1.66 8.30
CA ASP A 93 3.80 0.86 7.13
C ASP A 93 3.86 -0.62 7.48
N LEU A 94 3.48 -1.45 6.51
CA LEU A 94 3.45 -2.89 6.74
C LEU A 94 4.84 -3.51 6.70
N ALA A 95 5.74 -2.99 5.87
CA ALA A 95 7.10 -3.49 5.84
C ALA A 95 7.71 -3.50 7.23
N SER A 96 7.41 -2.47 8.03
CA SER A 96 7.89 -2.44 9.41
C SER A 96 7.25 -3.54 10.25
N VAL A 97 5.98 -3.87 9.98
CA VAL A 97 5.33 -4.95 10.71
C VAL A 97 6.00 -6.28 10.39
N ILE A 98 6.30 -6.51 9.11
CA ILE A 98 7.04 -7.72 8.72
C ILE A 98 8.40 -7.75 9.40
N THR A 99 9.09 -6.61 9.42
CA THR A 99 10.40 -6.54 10.07
C THR A 99 10.31 -6.86 11.55
N LYS A 100 9.24 -6.41 12.21
CA LYS A 100 9.07 -6.70 13.62
C LYS A 100 8.71 -8.16 13.85
N GLY A 101 7.96 -8.76 12.92
CA GLY A 101 7.63 -10.17 13.05
C GLY A 101 8.85 -11.06 12.89
N THR A 102 9.67 -10.79 11.89
CA THR A 102 10.90 -11.57 11.72
C THR A 102 11.83 -11.41 12.92
N LYS A 103 11.96 -10.19 13.43
CA LYS A 103 12.91 -9.90 14.50
C LYS A 103 12.45 -10.40 15.86
N GLU A 104 11.21 -10.88 15.98
CA GLU A 104 10.71 -11.43 17.24
C GLU A 104 10.16 -12.83 17.08
N ARG A 105 10.38 -13.47 15.93
CA ARG A 105 10.00 -14.86 15.72
C ARG A 105 8.55 -15.12 16.11
N GLN A 106 7.66 -14.21 15.69
CA GLN A 106 6.23 -14.35 15.93
C GLN A 106 5.49 -14.03 14.64
N TYR A 107 4.52 -14.88 14.29
CA TYR A 107 3.73 -14.71 13.08
C TYR A 107 2.55 -13.78 13.34
N LEU A 108 2.13 -13.08 12.30
CA LEU A 108 1.01 -12.15 12.42
C LEU A 108 -0.31 -12.90 12.54
N ASP A 109 -1.24 -12.33 13.31
CA ASP A 109 -2.52 -12.96 13.56
C ASP A 109 -3.35 -13.04 12.29
N GLU A 110 -3.96 -14.21 12.04
CA GLU A 110 -4.78 -14.39 10.86
C GLU A 110 -5.85 -13.31 10.75
N GLU A 111 -6.38 -12.87 11.89
CA GLU A 111 -7.38 -11.81 11.87
C GLU A 111 -6.81 -10.54 11.25
N PHE A 112 -5.55 -10.22 11.54
CA PHE A 112 -4.93 -9.03 10.98
C PHE A 112 -4.70 -9.19 9.47
N VAL A 113 -4.28 -10.39 9.05
CA VAL A 113 -4.14 -10.65 7.62
C VAL A 113 -5.48 -10.46 6.91
N LEU A 114 -6.56 -10.92 7.54
CA LEU A 114 -7.89 -10.73 6.98
C LEU A 114 -8.27 -9.24 6.92
N ARG A 115 -7.95 -8.49 7.98
CA ARG A 115 -8.15 -7.04 7.94
C ARG A 115 -7.49 -6.43 6.71
N VAL A 116 -6.20 -6.70 6.54
CA VAL A 116 -5.46 -6.12 5.43
C VAL A 116 -6.07 -6.55 4.10
N MET A 117 -6.36 -7.85 3.95
CA MET A 117 -6.96 -8.36 2.74
C MET A 117 -8.24 -7.60 2.39
N THR A 118 -9.16 -7.51 3.35
CA THR A 118 -10.46 -6.89 3.11
C THR A 118 -10.31 -5.41 2.75
N GLN A 119 -9.58 -4.66 3.58
CA GLN A 119 -9.52 -3.22 3.37
C GLN A 119 -8.74 -2.88 2.10
N LEU A 120 -7.68 -3.62 1.79
CA LEU A 120 -6.96 -3.37 0.55
C LEU A 120 -7.80 -3.77 -0.67
N THR A 121 -8.63 -4.81 -0.55
CA THR A 121 -9.52 -5.14 -1.66
C THR A 121 -10.52 -4.03 -1.90
N LEU A 122 -11.07 -3.46 -0.82
CA LEU A 122 -11.96 -2.32 -0.96
C LEU A 122 -11.24 -1.14 -1.62
N ALA A 123 -10.02 -0.85 -1.18
CA ALA A 123 -9.24 0.22 -1.78
C ALA A 123 -9.02 -0.01 -3.27
N LEU A 124 -8.65 -1.23 -3.64
CA LEU A 124 -8.45 -1.53 -5.06
C LEU A 124 -9.73 -1.37 -5.85
N LYS A 125 -10.86 -1.85 -5.31
CA LYS A 125 -12.13 -1.67 -6.00
C LYS A 125 -12.40 -0.19 -6.24
N GLU A 126 -12.11 0.65 -5.24
CA GLU A 126 -12.28 2.09 -5.44
C GLU A 126 -11.36 2.60 -6.55
N CYS A 127 -10.10 2.17 -6.55
CA CYS A 127 -9.16 2.64 -7.56
C CYS A 127 -9.59 2.23 -8.96
N HIS A 128 -10.19 1.04 -9.10
CA HIS A 128 -10.71 0.62 -10.39
C HIS A 128 -11.88 1.50 -10.81
N ARG A 129 -12.82 1.72 -9.92
CA ARG A 129 -13.97 2.58 -10.18
C ARG A 129 -13.52 4.01 -10.46
N LEU A 142 2.40 -1.06 -4.98
CA LEU A 142 1.69 -1.83 -3.96
C LEU A 142 2.60 -2.84 -3.26
N LYS A 143 3.40 -2.35 -2.32
CA LYS A 143 4.33 -3.16 -1.54
C LYS A 143 4.06 -2.94 -0.06
N PRO A 144 4.66 -3.76 0.81
CA PRO A 144 4.49 -3.55 2.25
C PRO A 144 4.94 -2.18 2.71
N ALA A 145 5.70 -1.45 1.90
CA ALA A 145 6.13 -0.10 2.26
C ALA A 145 5.12 0.97 1.85
N ASN A 146 4.26 0.68 0.88
CA ASN A 146 3.20 1.60 0.45
C ASN A 146 1.87 1.33 1.15
N VAL A 147 1.90 0.71 2.33
CA VAL A 147 0.68 0.37 3.06
C VAL A 147 0.91 0.72 4.52
N PHE A 148 0.08 1.60 5.06
CA PHE A 148 0.26 2.15 6.40
C PHE A 148 -0.89 1.72 7.31
N LEU A 149 -0.67 1.93 8.61
CA LEU A 149 -1.66 1.59 9.63
C LEU A 149 -1.99 2.82 10.47
N ASP A 150 -3.27 2.98 10.81
CA ASP A 150 -3.69 4.02 11.74
C ASP A 150 -3.81 3.45 13.15
N GLY A 151 -4.18 4.31 14.08
CA GLY A 151 -4.16 3.90 15.47
C GLY A 151 -5.07 2.71 15.74
N LYS A 152 -6.18 2.62 15.02
CA LYS A 152 -7.07 1.47 15.17
C LYS A 152 -6.58 0.25 14.40
N GLN A 153 -5.29 0.21 14.08
CA GLN A 153 -4.73 -0.83 13.22
C GLN A 153 -5.52 -0.97 11.93
N ASN A 154 -5.90 0.17 11.35
CA ASN A 154 -6.68 0.17 10.11
C ASN A 154 -5.74 0.40 8.95
N VAL A 155 -6.06 -0.19 7.81
CA VAL A 155 -5.15 -0.27 6.68
C VAL A 155 -5.42 0.89 5.71
N LYS A 156 -4.38 1.65 5.40
CA LYS A 156 -4.43 2.71 4.39
C LYS A 156 -3.46 2.37 3.26
N LEU A 157 -3.90 2.61 2.04
CA LEU A 157 -3.06 2.48 0.86
C LEU A 157 -2.52 3.85 0.46
N GLY A 158 -1.34 3.87 -0.15
CA GLY A 158 -0.74 5.12 -0.56
C GLY A 158 0.47 4.91 -1.42
N ASP A 159 0.93 6.02 -2.01
CA ASP A 159 2.12 6.01 -2.85
C ASP A 159 3.39 5.98 -2.01
N TYR A 181 9.63 -8.34 -7.16
CA TYR A 181 9.06 -9.59 -6.63
C TYR A 181 7.56 -9.66 -6.90
N TYR A 182 6.91 -8.50 -6.96
CA TYR A 182 5.47 -8.40 -7.12
C TYR A 182 5.04 -8.27 -8.58
N MET A 183 5.96 -8.42 -9.53
CA MET A 183 5.59 -8.33 -10.94
C MET A 183 4.69 -9.48 -11.32
N SER A 184 3.63 -9.19 -12.07
CA SER A 184 2.64 -10.21 -12.40
C SER A 184 3.04 -11.00 -13.63
N PRO A 185 2.42 -12.16 -13.83
CA PRO A 185 2.75 -12.96 -15.03
C PRO A 185 2.52 -12.21 -16.33
N GLU A 186 1.37 -11.54 -16.45
CA GLU A 186 1.05 -10.80 -17.65
C GLU A 186 1.95 -9.57 -17.80
N GLN A 187 2.23 -8.89 -16.69
CA GLN A 187 3.13 -7.73 -16.73
C GLN A 187 4.50 -8.07 -17.27
N MET A 188 4.87 -9.36 -17.27
CA MET A 188 6.13 -9.83 -17.83
C MET A 188 5.93 -10.86 -18.94
N ASN A 189 4.71 -11.12 -19.35
CA ASN A 189 4.39 -12.08 -20.41
C ASN A 189 5.17 -13.38 -20.23
N TYR A 193 -1.54 -6.00 -18.33
CA TYR A 193 -1.84 -4.98 -17.32
C TYR A 193 -3.34 -4.76 -17.19
N ASN A 194 -4.01 -5.64 -16.46
CA ASN A 194 -5.45 -5.57 -16.24
C ASN A 194 -5.73 -5.50 -14.74
N GLU A 195 -7.02 -5.52 -14.41
CA GLU A 195 -7.43 -5.41 -13.01
C GLU A 195 -6.92 -6.58 -12.18
N LYS A 196 -6.85 -7.77 -12.76
CA LYS A 196 -6.40 -8.94 -12.01
C LYS A 196 -4.91 -8.87 -11.67
N SER A 197 -4.16 -8.00 -12.32
CA SER A 197 -2.76 -7.81 -11.94
C SER A 197 -2.66 -7.27 -10.52
N ASP A 198 -3.58 -6.36 -10.15
CA ASP A 198 -3.64 -5.89 -8.78
C ASP A 198 -4.02 -7.02 -7.83
N ILE A 199 -4.88 -7.93 -8.27
CA ILE A 199 -5.20 -9.10 -7.47
C ILE A 199 -3.94 -9.91 -7.19
N TRP A 200 -3.13 -10.11 -8.23
CA TRP A 200 -1.87 -10.84 -8.05
C TRP A 200 -0.95 -10.13 -7.06
N SER A 201 -0.81 -8.81 -7.21
CA SER A 201 0.05 -8.05 -6.31
C SER A 201 -0.43 -8.16 -4.88
N LEU A 202 -1.75 -8.08 -4.66
CA LEU A 202 -2.30 -8.22 -3.31
C LEU A 202 -2.07 -9.62 -2.77
N GLY A 203 -2.14 -10.63 -3.64
CA GLY A 203 -1.84 -11.98 -3.21
C GLY A 203 -0.40 -12.12 -2.75
N CYS A 204 0.53 -11.50 -3.47
CA CYS A 204 1.93 -11.52 -3.03
C CYS A 204 2.09 -10.78 -1.70
N LEU A 205 1.40 -9.64 -1.53
CA LEU A 205 1.48 -8.90 -0.28
C LEU A 205 0.96 -9.74 0.89
N LEU A 206 -0.19 -10.37 0.72
CA LEU A 206 -0.77 -11.17 1.79
C LEU A 206 0.09 -12.39 2.08
N TYR A 207 0.62 -13.03 1.04
CA TYR A 207 1.56 -14.13 1.26
C TYR A 207 2.73 -13.67 2.10
N GLU A 208 3.30 -12.50 1.77
CA GLU A 208 4.45 -12.02 2.53
C GLU A 208 4.07 -11.69 3.97
N LEU A 209 2.85 -11.18 4.19
CA LEU A 209 2.39 -10.94 5.56
C LEU A 209 2.28 -12.24 6.33
N CYS A 210 1.80 -13.30 5.68
CA CYS A 210 1.63 -14.58 6.36
C CYS A 210 2.98 -15.25 6.63
N ALA A 211 3.75 -15.47 5.57
CA ALA A 211 5.00 -16.23 5.63
C ALA A 211 6.20 -15.39 6.02
N LEU A 212 6.07 -14.06 6.08
CA LEU A 212 7.19 -13.17 6.39
C LEU A 212 8.28 -13.28 5.33
N MET A 213 7.86 -13.41 4.07
CA MET A 213 8.75 -13.43 2.92
C MET A 213 7.91 -13.57 1.66
N PRO A 214 8.33 -12.99 0.54
CA PRO A 214 7.51 -13.03 -0.68
C PRO A 214 7.30 -14.47 -1.13
N PRO A 215 6.27 -14.70 -1.97
CA PRO A 215 6.05 -16.08 -2.44
C PRO A 215 7.16 -16.59 -3.34
N PHE A 216 7.89 -15.71 -4.02
CA PHE A 216 8.92 -16.10 -4.97
C PHE A 216 10.22 -15.40 -4.60
N THR A 217 11.19 -16.18 -4.13
CA THR A 217 12.50 -15.67 -3.73
C THR A 217 13.53 -16.08 -4.76
N ALA A 218 14.21 -15.10 -5.36
CA ALA A 218 15.24 -15.35 -6.36
C ALA A 218 16.34 -14.32 -6.22
N PHE A 219 17.54 -14.71 -6.67
CA PHE A 219 18.69 -13.81 -6.64
C PHE A 219 18.76 -12.95 -7.90
N SER A 220 18.62 -13.57 -9.06
CA SER A 220 18.61 -12.87 -10.34
C SER A 220 17.16 -12.58 -10.77
N GLN A 221 17.02 -11.59 -11.67
CA GLN A 221 15.70 -11.25 -12.16
C GLN A 221 15.14 -12.34 -13.06
N LYS A 222 15.98 -12.92 -13.92
CA LYS A 222 15.52 -14.00 -14.79
C LYS A 222 15.13 -15.22 -13.97
N GLU A 223 15.86 -15.51 -12.89
CA GLU A 223 15.47 -16.58 -12.00
C GLU A 223 14.11 -16.30 -11.36
N LEU A 224 13.85 -15.03 -11.03
CA LEU A 224 12.55 -14.66 -10.49
C LEU A 224 11.45 -14.88 -11.52
N ALA A 225 11.66 -14.44 -12.76
CA ALA A 225 10.68 -14.65 -13.81
C ALA A 225 10.43 -16.14 -14.05
N GLY A 226 11.49 -16.96 -13.94
CA GLY A 226 11.31 -18.39 -14.09
C GLY A 226 10.51 -19.00 -12.97
N LYS A 227 10.81 -18.61 -11.71
CA LYS A 227 10.04 -19.10 -10.58
C LYS A 227 8.58 -18.66 -10.69
N ILE A 228 8.32 -17.50 -11.28
CA ILE A 228 6.96 -17.00 -11.40
C ILE A 228 6.21 -17.76 -12.49
N ARG A 229 6.76 -17.79 -13.71
CA ARG A 229 6.11 -18.51 -14.79
C ARG A 229 5.95 -19.99 -14.46
N GLU A 230 6.89 -20.55 -13.68
CA GLU A 230 6.69 -21.87 -13.11
C GLU A 230 5.45 -21.90 -12.22
N GLY A 231 5.11 -20.75 -11.62
CA GLY A 231 3.90 -20.61 -10.84
C GLY A 231 3.76 -21.55 -9.67
N LYS A 232 4.80 -21.64 -8.85
CA LYS A 232 4.82 -22.58 -7.74
C LYS A 232 5.44 -21.92 -6.52
N PHE A 233 4.91 -22.25 -5.35
CA PHE A 233 5.33 -21.61 -4.10
C PHE A 233 4.89 -22.48 -2.94
N ARG A 234 5.50 -22.21 -1.77
CA ARG A 234 5.14 -22.94 -0.57
C ARG A 234 3.78 -22.50 -0.04
N ARG A 235 3.23 -23.33 0.83
CA ARG A 235 2.02 -22.96 1.55
C ARG A 235 2.35 -21.98 2.66
N ILE A 236 1.42 -21.06 2.91
CA ILE A 236 1.58 -20.14 4.04
C ILE A 236 1.66 -21.00 5.29
N PRO A 237 2.31 -20.52 6.36
CA PRO A 237 2.45 -21.34 7.58
C PRO A 237 1.19 -22.11 7.93
N TYR A 238 1.36 -23.28 8.55
CA TYR A 238 0.20 -24.10 8.91
C TYR A 238 -0.60 -23.53 10.07
N ARG A 239 -0.16 -22.41 10.66
CA ARG A 239 -0.98 -21.71 11.63
C ARG A 239 -2.22 -21.10 10.98
N TYR A 240 -2.19 -20.90 9.66
CA TYR A 240 -3.27 -20.25 8.95
C TYR A 240 -4.25 -21.27 8.39
N SER A 241 -5.52 -20.88 8.35
CA SER A 241 -6.57 -21.76 7.86
C SER A 241 -6.30 -22.18 6.42
N ASP A 242 -6.93 -23.29 6.01
CA ASP A 242 -6.91 -23.67 4.61
C ASP A 242 -7.67 -22.66 3.75
N GLU A 243 -8.61 -21.91 4.33
CA GLU A 243 -9.41 -20.96 3.55
C GLU A 243 -8.61 -19.70 3.22
N LEU A 244 -7.88 -19.16 4.20
CA LEU A 244 -6.98 -18.04 3.91
C LEU A 244 -5.96 -18.42 2.85
N ASN A 245 -5.33 -19.59 3.01
CA ASN A 245 -4.39 -20.08 2.02
C ASN A 245 -5.06 -20.26 0.67
N GLU A 246 -6.31 -20.72 0.66
CA GLU A 246 -6.99 -20.94 -0.61
C GLU A 246 -7.25 -19.62 -1.34
N ILE A 247 -7.73 -18.61 -0.62
CA ILE A 247 -7.99 -17.32 -1.26
C ILE A 247 -6.68 -16.69 -1.75
N ILE A 248 -5.64 -16.73 -0.91
CA ILE A 248 -4.36 -16.16 -1.30
C ILE A 248 -3.80 -16.88 -2.52
N THR A 249 -3.84 -18.21 -2.52
CA THR A 249 -3.39 -18.99 -3.66
C THR A 249 -4.18 -18.64 -4.91
N ARG A 250 -5.49 -18.51 -4.78
CA ARG A 250 -6.32 -18.16 -5.92
C ARG A 250 -5.92 -16.81 -6.50
N MET A 251 -5.55 -15.87 -5.64
CA MET A 251 -5.03 -14.60 -6.14
C MET A 251 -3.76 -14.78 -6.95
N LEU A 252 -2.95 -15.80 -6.64
CA LEU A 252 -1.64 -15.99 -7.24
C LEU A 252 -1.67 -16.91 -8.45
N ASN A 253 -2.84 -17.27 -8.95
CA ASN A 253 -2.92 -18.04 -10.19
C ASN A 253 -2.21 -17.32 -11.32
N LEU A 254 -1.55 -18.09 -12.19
CA LEU A 254 -0.89 -17.49 -13.34
C LEU A 254 -1.91 -16.91 -14.31
N LYS A 255 -2.89 -17.70 -14.72
CA LYS A 255 -3.93 -17.22 -15.63
C LYS A 255 -4.76 -16.14 -14.95
N ASP A 256 -4.79 -14.94 -15.54
CA ASP A 256 -5.48 -13.83 -14.91
C ASP A 256 -6.96 -14.15 -14.68
N TYR A 257 -7.58 -14.85 -15.63
CA TYR A 257 -9.00 -15.18 -15.53
C TYR A 257 -9.30 -16.25 -14.49
N HIS A 258 -8.30 -16.71 -13.75
CA HIS A 258 -8.52 -17.63 -12.64
C HIS A 258 -8.42 -16.95 -11.28
N ARG A 259 -7.88 -15.75 -11.22
CA ARG A 259 -7.80 -15.02 -9.96
C ARG A 259 -9.18 -14.46 -9.60
N PRO A 260 -9.44 -14.29 -8.30
CA PRO A 260 -10.75 -13.79 -7.89
C PRO A 260 -10.92 -12.32 -8.25
N SER A 261 -12.11 -11.97 -8.74
CA SER A 261 -12.45 -10.58 -8.90
C SER A 261 -12.50 -9.91 -7.53
N VAL A 262 -12.56 -8.57 -7.54
CA VAL A 262 -12.61 -7.84 -6.29
C VAL A 262 -13.81 -8.30 -5.46
N GLU A 263 -14.92 -8.65 -6.11
CA GLU A 263 -16.14 -9.00 -5.40
C GLU A 263 -16.15 -10.45 -4.93
N GLU A 264 -15.58 -11.36 -5.72
CA GLU A 264 -15.48 -12.74 -5.26
C GLU A 264 -14.62 -12.85 -4.02
N ILE A 265 -13.65 -11.95 -3.88
CA ILE A 265 -12.86 -11.90 -2.65
C ILE A 265 -13.75 -11.55 -1.47
N LEU A 266 -14.61 -10.55 -1.64
CA LEU A 266 -15.46 -10.11 -0.54
C LEU A 266 -16.60 -11.09 -0.28
N GLU A 267 -17.13 -11.71 -1.33
CA GLU A 267 -18.17 -12.72 -1.14
C GLU A 267 -17.71 -13.93 -0.34
N ASN A 268 -16.46 -13.95 0.13
CA ASN A 268 -15.89 -15.12 0.76
C ASN A 268 -16.34 -15.21 2.22
N PRO A 269 -16.78 -16.38 2.68
CA PRO A 269 -17.22 -16.53 4.07
C PRO A 269 -16.13 -16.15 5.08
N LEU A 270 -14.89 -16.04 4.62
CA LEU A 270 -13.81 -15.74 5.54
C LEU A 270 -13.85 -14.28 6.01
N ILE A 271 -14.38 -13.39 5.18
CA ILE A 271 -14.39 -11.96 5.47
C ILE A 271 -15.64 -11.63 6.29
N LEU A 272 -15.44 -11.13 7.50
CA LEU A 272 -16.54 -10.73 8.37
C LEU A 272 -16.57 -9.21 8.45
N GLU A 273 -17.39 -8.69 9.37
CA GLU A 273 -17.57 -7.24 9.45
C GLU A 273 -16.35 -6.57 10.07
N HIS A 274 -15.85 -7.11 11.18
CA HIS A 274 -14.78 -6.44 11.93
C HIS A 274 -13.46 -6.42 11.18
N HIS A 275 -13.34 -7.13 10.06
CA HIS A 275 -12.18 -6.95 9.20
C HIS A 275 -12.22 -5.65 8.43
N HIS A 276 -13.34 -4.93 8.47
CA HIS A 276 -13.51 -3.69 7.73
C HIS A 276 -12.96 -2.52 8.53
N HIS A 277 -12.72 -1.41 7.81
CA HIS A 277 -12.22 -0.20 8.44
C HIS A 277 -13.25 0.34 9.41
N HIS A 278 -12.87 0.44 10.69
CA HIS A 278 -13.73 0.96 11.73
C HIS A 278 -13.16 2.29 12.21
N HIS A 279 -13.90 3.38 11.97
CA HIS A 279 -13.45 4.73 12.31
C HIS A 279 -13.05 4.84 13.78
C01 LCW B . 1.65 9.31 4.33
C03 LCW B . 2.26 8.56 6.29
C05 LCW B . 3.53 7.86 8.15
C07 LCW B . 4.69 6.44 9.81
C08 LCW B . 5.22 5.81 8.72
C09 LCW B . 6.31 5.00 8.85
C10 LCW B . 6.87 4.80 10.10
C11 LCW B . 8.09 3.87 10.14
C12 LCW B . 9.13 4.28 9.07
C15 LCW B . 6.33 5.43 11.23
C16 LCW B . 5.23 6.26 11.07
C18 LCW B . 4.65 8.58 6.14
C19 LCW B . 5.96 8.92 5.36
C20 LCW B . 5.99 10.13 4.83
C27 LCW B . 3.38 8.83 5.56
N02 LCW B . 1.21 8.86 5.50
N04 LCW B . 2.36 8.07 7.56
N06 LCW B . 3.56 7.29 9.51
N13 LCW B . 8.86 4.42 7.63
N17 LCW B . 4.66 8.13 7.43
N28 LCW B . 2.96 9.29 4.34
O14 LCW B . 10.23 4.52 9.45
H011 LCW B . 1.11 9.58 3.62
H081 LCW B . 4.84 5.94 7.88
H091 LCW B . 6.68 4.59 8.11
H112 LCW B . 8.49 3.93 11.00
H111 LCW B . 7.82 2.99 9.99
H151 LCW B . 6.71 5.29 12.07
H161 LCW B . 4.86 6.68 11.81
H191 LCW B . 6.67 8.32 5.27
H201 LCW B . 5.23 10.65 4.95
H061 LCW B . 2.94 7.46 10.09
H131 LCW B . 9.50 4.67 7.10
H132 LCW B . 8.08 4.26 7.26
#